data_5C4K
#
_entry.id   5C4K
#
_cell.length_a   78.703
_cell.length_b   64.941
_cell.length_c   78.870
_cell.angle_alpha   90.000
_cell.angle_beta   90.730
_cell.angle_gamma   90.000
#
_symmetry.space_group_name_H-M   'P 1 21 1'
#
loop_
_entity.id
_entity.type
_entity.pdbx_description
1 polymer "APH(2'')-Id"
2 non-polymer GENETICIN
#
_entity_poly.entity_id   1
_entity_poly.type   'polypeptide(L)'
_entity_poly.pdbx_seq_one_letter_code
;MGSSHHHHHHSSGLVPRGSHMRTYTFDQVEKAIEQLYPDFTINTIQISGKGNDCIAYEINRDFIFKFPKHSRGSTNLFNE
VNILKRIHNKLPLPIPEVVFTGMPSETYQMSFAGFTKIKGVPLTPLLLNNLPKQSQNQAAKDLARFLSELHSINISGFKS
NLVLDFREKINEDNKKIKKLLSRELKGPQMKKVDDFYRDILENEIYFKYYPCLIHNDFSSDHILFDTEKNTICGIIDFGD
AAISDPDNDFISLMEDDEEYGMEFVSKILNHYKHKDIPTVLEKYRMKEKYWSFEKIIYGKEYGYMDWYEEGLNEIRSIKI
K
;
_entity_poly.pdbx_strand_id   A,B
#
loop_
_chem_comp.id
_chem_comp.type
_chem_comp.name
_chem_comp.formula
GET non-polymer GENETICIN 'C20 H40 N4 O10'
#
# COMPACT_ATOMS: atom_id res chain seq x y z
N ARG A 22 0.20 -40.02 -0.91
CA ARG A 22 -0.14 -39.43 -2.25
C ARG A 22 0.80 -38.28 -2.63
N THR A 23 1.16 -38.23 -3.90
CA THR A 23 2.01 -37.16 -4.39
C THR A 23 1.61 -36.89 -5.82
N TYR A 24 1.88 -35.67 -6.29
CA TYR A 24 1.46 -35.26 -7.62
C TYR A 24 2.64 -34.82 -8.44
N THR A 25 2.63 -35.16 -9.73
CA THR A 25 3.58 -34.57 -10.66
C THR A 25 2.99 -33.30 -11.20
N PHE A 26 3.82 -32.47 -11.81
CA PHE A 26 3.35 -31.24 -12.40
C PHE A 26 2.26 -31.49 -13.46
N ASP A 27 2.49 -32.47 -14.34
CA ASP A 27 1.54 -32.79 -15.41
C ASP A 27 0.21 -33.14 -14.80
N GLN A 28 0.23 -34.08 -13.87
CA GLN A 28 -0.99 -34.52 -13.19
C GLN A 28 -1.79 -33.33 -12.76
N VAL A 29 -1.16 -32.41 -12.06
CA VAL A 29 -1.80 -31.19 -11.56
C VAL A 29 -2.40 -30.31 -12.64
N GLU A 30 -1.66 -30.16 -13.73
CA GLU A 30 -2.13 -29.35 -14.82
C GLU A 30 -3.38 -29.95 -15.42
N LYS A 31 -3.42 -31.28 -15.57
CA LYS A 31 -4.60 -31.97 -16.09
C LYS A 31 -5.84 -31.73 -15.26
N ALA A 32 -5.70 -31.96 -13.95
CA ALA A 32 -6.78 -31.71 -13.00
C ALA A 32 -7.51 -30.40 -13.23
N ILE A 33 -6.73 -29.33 -13.33
CA ILE A 33 -7.29 -28.00 -13.43
C ILE A 33 -7.87 -27.75 -14.84
N GLU A 34 -7.07 -27.99 -15.86
CA GLU A 34 -7.47 -27.72 -17.24
C GLU A 34 -8.78 -28.47 -17.56
N GLN A 35 -8.94 -29.62 -16.93
CA GLN A 35 -10.12 -30.44 -17.10
C GLN A 35 -11.39 -29.73 -16.67
N LEU A 36 -11.47 -29.31 -15.42
CA LEU A 36 -12.65 -28.60 -14.96
C LEU A 36 -12.67 -27.14 -15.39
N TYR A 37 -11.54 -26.65 -15.90
CA TYR A 37 -11.39 -25.24 -16.25
C TYR A 37 -10.66 -25.06 -17.57
N PRO A 38 -11.27 -25.52 -18.68
CA PRO A 38 -10.58 -25.53 -19.97
C PRO A 38 -10.21 -24.16 -20.50
N ASP A 39 -11.01 -23.14 -20.21
CA ASP A 39 -10.73 -21.79 -20.69
C ASP A 39 -9.96 -21.01 -19.65
N PHE A 40 -8.85 -21.60 -19.24
CA PHE A 40 -7.92 -21.02 -18.29
C PHE A 40 -6.58 -21.68 -18.58
N THR A 41 -5.62 -20.91 -19.06
CA THR A 41 -4.31 -21.46 -19.42
C THR A 41 -3.26 -21.14 -18.35
N ILE A 42 -2.51 -22.18 -18.01
CA ILE A 42 -1.45 -22.15 -17.02
C ILE A 42 -0.15 -21.81 -17.70
N ASN A 43 0.50 -20.74 -17.26
CA ASN A 43 1.78 -20.35 -17.82
C ASN A 43 2.93 -20.80 -16.92
N THR A 44 2.93 -20.29 -15.71
CA THR A 44 3.96 -20.61 -14.76
C THR A 44 3.32 -21.42 -13.68
N ILE A 45 3.91 -22.57 -13.40
CA ILE A 45 3.52 -23.39 -12.26
C ILE A 45 4.77 -23.76 -11.52
N GLN A 46 4.72 -23.67 -10.21
CA GLN A 46 5.82 -24.07 -9.36
C GLN A 46 5.31 -24.31 -7.94
N ILE A 47 6.11 -24.93 -7.10
CA ILE A 47 5.66 -25.36 -5.78
C ILE A 47 5.97 -24.29 -4.74
N SER A 48 4.95 -23.74 -4.07
CA SER A 48 5.16 -22.64 -3.11
C SER A 48 5.49 -23.20 -1.75
N GLY A 49 4.89 -24.34 -1.46
CA GLY A 49 5.28 -25.10 -0.28
C GLY A 49 4.47 -26.35 -0.06
N LYS A 50 4.87 -27.14 0.93
CA LYS A 50 4.28 -28.43 1.21
C LYS A 50 3.99 -28.59 2.70
N GLY A 51 2.75 -28.92 3.03
CA GLY A 51 2.32 -29.12 4.40
C GLY A 51 2.13 -30.58 4.80
N ASN A 52 1.52 -30.79 5.96
CA ASN A 52 1.16 -32.13 6.42
C ASN A 52 -0.08 -32.65 5.73
N ASP A 53 -0.91 -31.76 5.16
CA ASP A 53 -2.18 -32.14 4.52
C ASP A 53 -2.26 -31.85 3.04
N CYS A 54 -1.61 -30.78 2.60
CA CYS A 54 -1.67 -30.33 1.21
C CYS A 54 -0.32 -29.95 0.68
N ILE A 55 -0.14 -30.12 -0.63
CA ILE A 55 0.96 -29.52 -1.36
C ILE A 55 0.40 -28.27 -2.00
N ALA A 56 1.17 -27.20 -2.02
CA ALA A 56 0.67 -25.92 -2.49
C ALA A 56 1.44 -25.55 -3.71
N TYR A 57 0.71 -25.38 -4.81
CA TYR A 57 1.25 -24.98 -6.10
C TYR A 57 0.84 -23.55 -6.39
N GLU A 58 1.77 -22.76 -6.95
CA GLU A 58 1.57 -21.35 -7.34
C GLU A 58 1.50 -21.22 -8.86
N ILE A 59 0.36 -20.77 -9.35
CA ILE A 59 0.09 -20.89 -10.77
C ILE A 59 -0.10 -19.50 -11.31
N ASN A 60 0.56 -19.20 -12.43
CA ASN A 60 0.44 -17.86 -13.01
C ASN A 60 0.91 -16.74 -12.07
N ARG A 61 1.52 -17.11 -10.97
CA ARG A 61 2.01 -16.16 -10.01
C ARG A 61 0.95 -15.41 -9.26
N ASP A 62 -0.32 -15.65 -9.58
CA ASP A 62 -1.42 -14.93 -8.94
C ASP A 62 -2.29 -15.85 -8.10
N PHE A 63 -2.04 -17.14 -8.14
CA PHE A 63 -2.94 -18.08 -7.45
C PHE A 63 -2.21 -19.18 -6.67
N ILE A 64 -2.74 -19.57 -5.52
CA ILE A 64 -2.23 -20.75 -4.79
C ILE A 64 -3.26 -21.82 -4.90
N PHE A 65 -2.85 -22.94 -5.49
CA PHE A 65 -3.74 -24.08 -5.64
C PHE A 65 -3.27 -25.12 -4.63
N LYS A 66 -4.21 -25.61 -3.83
CA LYS A 66 -3.89 -26.66 -2.88
C LYS A 66 -4.43 -27.98 -3.31
N PHE A 67 -3.55 -28.98 -3.20
CA PHE A 67 -3.91 -30.36 -3.48
C PHE A 67 -3.71 -31.18 -2.21
N PRO A 68 -4.73 -31.97 -1.81
CA PRO A 68 -4.62 -32.75 -0.59
C PRO A 68 -3.78 -33.95 -0.81
N LYS A 69 -3.06 -34.32 0.21
CA LYS A 69 -2.21 -35.50 0.18
C LYS A 69 -2.92 -36.73 0.71
N HIS A 70 -4.14 -36.54 1.20
CA HIS A 70 -4.91 -37.66 1.70
C HIS A 70 -6.32 -37.25 2.12
N SER A 71 -7.08 -38.23 2.58
CA SER A 71 -8.49 -38.04 2.79
C SER A 71 -8.75 -36.96 3.82
N ARG A 72 -8.12 -37.02 4.99
CA ARG A 72 -8.32 -35.96 5.99
C ARG A 72 -7.95 -34.55 5.49
N GLY A 73 -6.92 -34.47 4.67
CA GLY A 73 -6.47 -33.19 4.14
C GLY A 73 -7.53 -32.68 3.23
N SER A 74 -8.08 -33.60 2.45
CA SER A 74 -9.17 -33.31 1.54
C SER A 74 -10.34 -32.67 2.28
N THR A 75 -10.70 -33.28 3.41
CA THR A 75 -11.72 -32.74 4.29
C THR A 75 -11.36 -31.33 4.81
N ASN A 76 -10.12 -31.10 5.23
CA ASN A 76 -9.78 -29.76 5.69
C ASN A 76 -9.92 -28.75 4.60
N LEU A 77 -9.46 -29.13 3.43
CA LEU A 77 -9.54 -28.24 2.28
C LEU A 77 -11.00 -27.75 2.05
N PHE A 78 -11.91 -28.73 2.03
CA PHE A 78 -13.34 -28.47 1.94
C PHE A 78 -13.75 -27.38 2.94
N ASN A 79 -13.40 -27.60 4.21
CA ASN A 79 -13.76 -26.64 5.25
C ASN A 79 -13.18 -25.27 4.99
N GLU A 80 -11.90 -25.25 4.64
CA GLU A 80 -11.25 -23.98 4.32
C GLU A 80 -12.08 -23.26 3.25
N VAL A 81 -12.47 -24.00 2.20
CA VAL A 81 -13.30 -23.40 1.17
C VAL A 81 -14.62 -22.92 1.70
N ASN A 82 -15.32 -23.82 2.37
N ASN A 82 -15.32 -23.82 2.36
CA ASN A 82 -16.61 -23.47 2.93
CA ASN A 82 -16.62 -23.48 2.89
C ASN A 82 -16.47 -22.25 3.78
C ASN A 82 -16.50 -22.26 3.80
N ILE A 83 -15.45 -22.22 4.60
CA ILE A 83 -15.31 -21.15 5.53
C ILE A 83 -14.92 -19.83 4.89
N LEU A 84 -14.02 -19.85 3.93
CA LEU A 84 -13.57 -18.58 3.39
C LEU A 84 -14.67 -17.89 2.62
N LYS A 85 -15.44 -18.67 1.88
CA LYS A 85 -16.59 -18.14 1.21
C LYS A 85 -17.45 -17.34 2.16
N ARG A 86 -17.69 -17.89 3.34
CA ARG A 86 -18.60 -17.27 4.29
C ARG A 86 -18.08 -16.01 4.90
N ILE A 87 -16.83 -16.02 5.27
CA ILE A 87 -16.28 -14.86 5.94
C ILE A 87 -15.58 -13.97 4.96
N HIS A 88 -15.90 -14.11 3.68
CA HIS A 88 -15.18 -13.38 2.67
C HIS A 88 -15.52 -11.93 2.89
N ASN A 89 -14.51 -11.06 2.99
CA ASN A 89 -14.75 -9.61 3.08
C ASN A 89 -15.39 -9.05 4.38
N LYS A 90 -15.24 -9.78 5.49
CA LYS A 90 -15.70 -9.35 6.81
C LYS A 90 -14.58 -9.01 7.79
N LEU A 91 -13.34 -9.34 7.45
CA LEU A 91 -12.23 -9.16 8.40
C LEU A 91 -11.32 -7.96 8.09
N PRO A 92 -10.66 -7.38 9.12
CA PRO A 92 -9.79 -6.22 8.92
C PRO A 92 -8.65 -6.46 7.96
N LEU A 93 -7.97 -7.58 8.09
CA LEU A 93 -6.85 -7.85 7.21
C LEU A 93 -7.29 -8.69 6.03
N PRO A 94 -6.56 -8.62 4.89
CA PRO A 94 -6.80 -9.55 3.80
C PRO A 94 -6.71 -11.02 4.17
N ILE A 95 -7.64 -11.80 3.66
CA ILE A 95 -7.55 -13.27 3.63
C ILE A 95 -7.78 -13.76 2.21
N PRO A 96 -7.47 -15.02 1.95
CA PRO A 96 -7.55 -15.50 0.59
C PRO A 96 -8.97 -15.59 0.12
N GLU A 97 -9.12 -15.49 -1.20
CA GLU A 97 -10.41 -15.53 -1.85
C GLU A 97 -10.44 -16.82 -2.66
N VAL A 98 -11.57 -17.52 -2.61
CA VAL A 98 -11.76 -18.75 -3.38
C VAL A 98 -12.17 -18.47 -4.83
N VAL A 99 -11.51 -19.11 -5.77
CA VAL A 99 -11.67 -18.80 -7.19
C VAL A 99 -11.92 -20.06 -8.01
N PHE A 100 -11.27 -21.15 -7.63
CA PHE A 100 -11.35 -22.41 -8.33
C PHE A 100 -11.64 -23.53 -7.36
N THR A 101 -12.55 -24.41 -7.74
CA THR A 101 -12.88 -25.55 -6.91
C THR A 101 -12.83 -26.85 -7.70
N GLY A 102 -12.48 -27.92 -6.97
CA GLY A 102 -12.42 -29.26 -7.53
C GLY A 102 -13.72 -29.99 -7.30
N MET A 103 -13.66 -31.31 -7.36
CA MET A 103 -14.84 -32.15 -7.22
C MET A 103 -14.57 -33.23 -6.21
N PRO A 104 -15.64 -33.76 -5.61
CA PRO A 104 -15.45 -34.89 -4.73
C PRO A 104 -15.05 -36.04 -5.58
N SER A 105 -14.40 -37.01 -5.00
CA SER A 105 -13.91 -38.12 -5.81
C SER A 105 -13.32 -39.23 -4.97
N GLU A 106 -13.86 -40.43 -5.15
CA GLU A 106 -13.37 -41.60 -4.44
C GLU A 106 -13.39 -41.28 -2.96
N THR A 107 -12.25 -41.43 -2.26
CA THR A 107 -12.17 -41.03 -0.86
C THR A 107 -11.99 -39.51 -0.62
N TYR A 108 -11.54 -38.73 -1.61
CA TYR A 108 -11.36 -37.27 -1.40
C TYR A 108 -12.64 -36.44 -1.58
N GLN A 109 -13.03 -35.75 -0.52
CA GLN A 109 -14.19 -34.88 -0.54
C GLN A 109 -14.07 -33.68 -1.47
N MET A 110 -12.85 -33.17 -1.61
CA MET A 110 -12.55 -32.05 -2.49
C MET A 110 -11.19 -32.31 -3.17
N SER A 111 -11.24 -32.34 -4.50
CA SER A 111 -10.11 -32.70 -5.39
C SER A 111 -8.85 -31.82 -5.23
N PHE A 112 -9.12 -30.51 -5.17
CA PHE A 112 -8.16 -29.42 -5.06
C PHE A 112 -8.97 -28.11 -4.94
N ALA A 113 -8.26 -27.03 -4.71
CA ALA A 113 -8.87 -25.73 -4.67
C ALA A 113 -7.85 -24.66 -4.99
N GLY A 114 -8.32 -23.52 -5.46
CA GLY A 114 -7.46 -22.44 -5.90
C GLY A 114 -7.85 -21.13 -5.26
N PHE A 115 -6.96 -20.61 -4.43
CA PHE A 115 -7.15 -19.30 -3.82
C PHE A 115 -6.22 -18.24 -4.40
N THR A 116 -6.67 -16.99 -4.29
CA THR A 116 -5.85 -15.85 -4.69
C THR A 116 -4.63 -15.83 -3.81
N LYS A 117 -3.50 -15.48 -4.42
CA LYS A 117 -2.28 -15.28 -3.68
C LYS A 117 -2.31 -13.95 -2.95
N ILE A 118 -1.63 -13.91 -1.82
CA ILE A 118 -1.51 -12.71 -1.07
C ILE A 118 -0.03 -12.37 -0.96
N LYS A 119 0.29 -11.15 -1.39
CA LYS A 119 1.64 -10.63 -1.30
C LYS A 119 2.06 -10.59 0.14
N GLY A 120 3.27 -11.03 0.42
CA GLY A 120 3.76 -10.98 1.78
C GLY A 120 4.81 -12.02 2.13
N VAL A 121 5.43 -11.77 3.27
CA VAL A 121 6.41 -12.64 3.89
C VAL A 121 5.89 -13.09 5.26
N PRO A 122 6.14 -14.34 5.65
CA PRO A 122 5.69 -14.72 6.98
C PRO A 122 6.46 -13.93 8.02
N LEU A 123 5.70 -13.52 9.02
CA LEU A 123 6.20 -12.63 10.04
C LEU A 123 6.82 -13.49 11.08
N THR A 124 7.98 -13.98 10.70
CA THR A 124 8.72 -14.86 11.53
C THR A 124 9.22 -14.11 12.78
N PRO A 125 9.36 -14.80 13.91
CA PRO A 125 9.73 -14.15 15.20
C PRO A 125 11.02 -13.33 15.09
N LEU A 126 11.96 -13.85 14.31
CA LEU A 126 13.16 -13.11 14.00
C LEU A 126 12.78 -11.73 13.43
N LEU A 127 12.03 -11.77 12.35
CA LEU A 127 11.64 -10.59 11.65
C LEU A 127 11.01 -9.65 12.63
N LEU A 128 10.12 -10.21 13.42
CA LEU A 128 9.32 -9.45 14.34
C LEU A 128 10.16 -8.61 15.26
N ASN A 129 11.27 -9.19 15.70
CA ASN A 129 12.15 -8.47 16.67
C ASN A 129 13.16 -7.54 16.05
N ASN A 130 13.28 -7.57 14.73
CA ASN A 130 14.12 -6.63 14.00
C ASN A 130 13.40 -5.36 13.64
N LEU A 131 12.08 -5.40 13.77
CA LEU A 131 11.26 -4.21 13.56
C LEU A 131 11.43 -3.28 14.78
N PRO A 132 11.35 -1.96 14.56
CA PRO A 132 11.35 -1.06 15.69
C PRO A 132 10.14 -1.27 16.59
N LYS A 133 10.32 -0.96 17.88
CA LYS A 133 9.27 -1.17 18.91
C LYS A 133 7.89 -0.63 18.52
N GLN A 134 7.88 0.48 17.77
CA GLN A 134 6.65 1.05 17.24
C GLN A 134 5.88 0.10 16.29
N SER A 135 6.60 -0.52 15.35
CA SER A 135 5.97 -1.47 14.40
C SER A 135 5.56 -2.80 15.07
N GLN A 136 6.34 -3.19 16.09
CA GLN A 136 6.02 -4.29 16.98
C GLN A 136 4.73 -4.06 17.75
N ASN A 137 4.60 -2.87 18.35
CA ASN A 137 3.39 -2.55 19.11
C ASN A 137 2.18 -2.44 18.22
N GLN A 138 2.45 -2.15 16.95
CA GLN A 138 1.41 -1.93 15.94
C GLN A 138 0.85 -3.25 15.47
N ALA A 139 1.74 -4.18 15.12
CA ALA A 139 1.37 -5.57 14.76
C ALA A 139 0.59 -6.30 15.86
N ALA A 140 0.99 -6.08 17.09
CA ALA A 140 0.24 -6.53 18.25
C ALA A 140 -1.20 -6.03 18.18
N LYS A 141 -1.35 -4.74 17.98
CA LYS A 141 -2.67 -4.17 17.91
C LYS A 141 -3.43 -4.69 16.70
N ASP A 142 -2.76 -4.86 15.56
CA ASP A 142 -3.42 -5.31 14.36
C ASP A 142 -3.94 -6.73 14.48
N LEU A 143 -3.13 -7.62 15.04
CA LEU A 143 -3.58 -9.00 15.24
C LEU A 143 -4.72 -9.03 16.23
N ALA A 144 -4.61 -8.33 17.34
CA ALA A 144 -5.69 -8.31 18.31
C ALA A 144 -7.02 -7.95 17.62
N ARG A 145 -6.99 -6.99 16.69
CA ARG A 145 -8.20 -6.51 16.01
C ARG A 145 -8.77 -7.63 15.17
N PHE A 146 -7.89 -8.30 14.46
CA PHE A 146 -8.30 -9.43 13.65
C PHE A 146 -8.96 -10.52 14.51
N LEU A 147 -8.24 -11.04 15.49
CA LEU A 147 -8.78 -12.06 16.36
C LEU A 147 -10.08 -11.58 16.95
N SER A 148 -10.11 -10.33 17.35
CA SER A 148 -11.34 -9.80 17.90
C SER A 148 -12.52 -9.90 16.93
N GLU A 149 -12.37 -9.38 15.71
CA GLU A 149 -13.43 -9.48 14.69
C GLU A 149 -13.85 -10.91 14.36
N LEU A 150 -12.86 -11.76 14.14
CA LEU A 150 -13.06 -13.16 13.75
C LEU A 150 -13.89 -13.90 14.76
N HIS A 151 -13.49 -13.75 16.02
CA HIS A 151 -14.24 -14.30 17.13
C HIS A 151 -15.60 -13.63 17.35
N SER A 152 -15.90 -12.52 16.69
CA SER A 152 -17.24 -11.92 16.80
C SER A 152 -18.19 -12.45 15.75
N ILE A 153 -17.67 -13.07 14.69
CA ILE A 153 -18.52 -13.49 13.59
C ILE A 153 -19.60 -14.39 14.08
N ASN A 154 -20.78 -14.18 13.55
CA ASN A 154 -21.92 -14.92 14.00
C ASN A 154 -21.88 -16.37 13.55
N ILE A 155 -21.91 -17.27 14.53
CA ILE A 155 -21.82 -18.71 14.26
C ILE A 155 -23.16 -19.44 13.99
N SER A 156 -24.29 -18.75 14.05
CA SER A 156 -25.59 -19.41 13.91
C SER A 156 -25.81 -20.12 12.57
N GLY A 157 -25.11 -19.68 11.52
CA GLY A 157 -25.29 -20.24 10.18
C GLY A 157 -24.51 -21.51 9.90
N PHE A 158 -23.36 -21.67 10.55
CA PHE A 158 -22.51 -22.83 10.32
C PHE A 158 -23.14 -24.13 10.78
N LYS A 159 -22.89 -25.19 10.02
CA LYS A 159 -23.46 -26.48 10.36
C LYS A 159 -22.70 -27.00 11.58
N SER A 160 -23.36 -27.92 12.28
CA SER A 160 -22.91 -28.44 13.55
C SER A 160 -21.52 -29.10 13.54
N ASN A 161 -21.27 -29.90 12.51
CA ASN A 161 -19.99 -30.55 12.33
C ASN A 161 -18.79 -29.63 12.40
N LEU A 162 -18.97 -28.33 12.14
CA LEU A 162 -17.89 -27.35 12.38
C LEU A 162 -17.56 -27.09 13.87
N VAL A 163 -18.53 -27.36 14.77
CA VAL A 163 -18.31 -27.27 16.19
C VAL A 163 -17.46 -28.42 16.60
N LEU A 164 -16.26 -28.08 17.02
CA LEU A 164 -15.37 -29.02 17.62
C LEU A 164 -15.73 -29.07 19.11
N ASP A 165 -16.22 -30.22 19.56
CA ASP A 165 -16.53 -30.46 20.97
C ASP A 165 -15.27 -30.96 21.67
N PHE A 166 -14.67 -30.19 22.56
CA PHE A 166 -13.33 -30.53 23.08
C PHE A 166 -13.34 -31.74 24.01
N ARG A 167 -14.31 -31.79 24.89
CA ARG A 167 -14.50 -32.95 25.74
C ARG A 167 -14.63 -34.25 24.95
N GLU A 168 -15.22 -34.22 23.76
CA GLU A 168 -15.30 -35.44 22.95
C GLU A 168 -13.94 -35.78 22.39
N LYS A 169 -13.23 -34.75 21.91
CA LYS A 169 -11.93 -34.96 21.35
C LYS A 169 -11.03 -35.70 22.32
N ILE A 170 -11.06 -35.28 23.58
CA ILE A 170 -10.22 -35.85 24.61
C ILE A 170 -10.59 -37.31 24.78
N ASN A 171 -11.86 -37.58 25.03
CA ASN A 171 -12.31 -38.94 25.21
C ASN A 171 -11.93 -39.77 24.04
N GLU A 172 -12.10 -39.23 22.85
CA GLU A 172 -11.73 -39.96 21.65
C GLU A 172 -10.23 -40.29 21.66
N ASP A 173 -9.42 -39.29 21.97
CA ASP A 173 -8.00 -39.46 22.06
C ASP A 173 -7.62 -40.48 23.09
N ASN A 174 -8.19 -40.37 24.28
CA ASN A 174 -7.90 -41.35 25.33
C ASN A 174 -8.03 -42.76 24.80
N LYS A 175 -9.11 -43.05 24.10
CA LYS A 175 -9.31 -44.37 23.53
C LYS A 175 -8.26 -44.78 22.47
N LYS A 176 -7.95 -43.89 21.53
CA LYS A 176 -6.97 -44.19 20.49
C LYS A 176 -5.66 -44.55 21.12
N ILE A 177 -5.33 -43.84 22.18
CA ILE A 177 -4.10 -44.07 22.91
C ILE A 177 -4.00 -45.45 23.54
N LYS A 178 -5.02 -45.85 24.26
CA LYS A 178 -5.01 -47.15 24.87
C LYS A 178 -4.84 -48.29 23.86
N LYS A 179 -5.48 -48.19 22.71
CA LYS A 179 -5.24 -49.18 21.65
C LYS A 179 -3.77 -49.14 21.32
N LEU A 180 -3.30 -47.98 20.87
CA LEU A 180 -1.95 -47.85 20.35
C LEU A 180 -0.90 -48.13 21.40
N LEU A 181 -1.21 -48.03 22.69
CA LEU A 181 -0.18 -48.17 23.72
C LEU A 181 -0.29 -49.40 24.57
N SER A 182 -1.31 -50.21 24.36
CA SER A 182 -1.49 -51.37 25.19
C SER A 182 -0.26 -52.26 25.05
N ARG A 183 0.22 -52.44 23.82
CA ARG A 183 1.38 -53.28 23.58
C ARG A 183 2.71 -52.52 23.66
N GLU A 184 2.76 -51.41 24.40
CA GLU A 184 4.00 -50.63 24.56
C GLU A 184 4.32 -50.29 26.01
N LEU A 185 3.39 -50.56 26.91
CA LEU A 185 3.43 -50.00 28.23
C LEU A 185 2.88 -50.98 29.25
N LYS A 186 3.47 -50.93 30.44
CA LYS A 186 3.09 -51.78 31.55
C LYS A 186 2.05 -51.14 32.44
N GLY A 187 1.33 -51.96 33.19
CA GLY A 187 0.28 -51.51 34.09
C GLY A 187 0.56 -50.15 34.72
N PRO A 188 1.62 -50.07 35.54
CA PRO A 188 1.93 -48.82 36.27
C PRO A 188 2.29 -47.61 35.40
N GLN A 189 2.73 -47.85 34.17
CA GLN A 189 2.95 -46.74 33.22
C GLN A 189 1.64 -46.23 32.61
N MET A 190 0.83 -47.16 32.13
CA MET A 190 -0.53 -46.86 31.65
C MET A 190 -1.36 -46.09 32.68
N LYS A 191 -1.24 -46.45 33.96
CA LYS A 191 -2.01 -45.75 35.03
C LYS A 191 -1.68 -44.30 35.16
N LYS A 192 -0.47 -43.93 34.78
CA LYS A 192 -0.14 -42.52 34.72
C LYS A 192 -0.91 -41.77 33.60
N VAL A 193 -1.18 -42.43 32.47
CA VAL A 193 -1.92 -41.72 31.39
C VAL A 193 -3.36 -41.50 31.80
N ASP A 194 -3.95 -42.53 32.39
CA ASP A 194 -5.31 -42.46 32.89
C ASP A 194 -5.45 -41.34 33.89
N ASP A 195 -4.51 -41.30 34.84
CA ASP A 195 -4.42 -40.20 35.78
C ASP A 195 -4.40 -38.88 35.06
N PHE A 196 -3.55 -38.75 34.06
CA PHE A 196 -3.45 -37.51 33.30
C PHE A 196 -4.76 -37.13 32.63
N TYR A 197 -5.37 -38.07 31.90
CA TYR A 197 -6.64 -37.82 31.24
C TYR A 197 -7.75 -37.55 32.22
N ARG A 198 -7.78 -38.28 33.32
CA ARG A 198 -8.75 -38.01 34.36
C ARG A 198 -8.67 -36.55 34.80
N ASP A 199 -7.46 -36.04 35.01
CA ASP A 199 -7.28 -34.68 35.55
C ASP A 199 -7.71 -33.60 34.58
N ILE A 200 -7.49 -33.85 33.32
CA ILE A 200 -7.99 -32.99 32.29
C ILE A 200 -9.51 -32.97 32.29
N LEU A 201 -10.10 -34.16 32.29
CA LEU A 201 -11.53 -34.29 32.15
C LEU A 201 -12.28 -33.85 33.40
N GLU A 202 -11.64 -33.96 34.56
CA GLU A 202 -12.27 -33.44 35.77
C GLU A 202 -12.17 -31.93 35.91
N ASN A 203 -11.44 -31.26 35.03
CA ASN A 203 -11.28 -29.83 35.13
C ASN A 203 -12.21 -29.02 34.20
N GLU A 204 -13.19 -28.36 34.80
CA GLU A 204 -14.18 -27.59 34.07
C GLU A 204 -13.63 -26.45 33.25
N ILE A 205 -12.46 -25.95 33.60
CA ILE A 205 -11.93 -24.75 32.94
C ILE A 205 -11.63 -24.94 31.44
N TYR A 206 -11.26 -26.16 31.06
CA TYR A 206 -10.90 -26.47 29.69
C TYR A 206 -12.11 -26.55 28.80
N PHE A 207 -13.31 -26.56 29.37
CA PHE A 207 -14.53 -26.85 28.62
C PHE A 207 -15.63 -25.79 28.72
N LYS A 208 -15.57 -24.97 29.74
CA LYS A 208 -16.61 -24.02 29.98
C LYS A 208 -16.14 -22.74 29.34
N TYR A 209 -16.25 -22.66 28.02
CA TYR A 209 -15.93 -21.42 27.30
C TYR A 209 -17.08 -21.13 26.37
N TYR A 210 -17.14 -19.91 25.83
CA TYR A 210 -18.19 -19.57 24.83
C TYR A 210 -17.59 -19.84 23.47
N PRO A 211 -18.12 -20.83 22.79
CA PRO A 211 -17.55 -21.22 21.53
C PRO A 211 -17.70 -20.18 20.44
N CYS A 212 -16.70 -20.02 19.60
CA CYS A 212 -16.83 -19.14 18.45
C CYS A 212 -15.85 -19.50 17.34
N LEU A 213 -15.98 -18.85 16.19
CA LEU A 213 -15.15 -19.24 15.06
C LEU A 213 -13.71 -18.85 15.31
N ILE A 214 -12.82 -19.84 15.18
CA ILE A 214 -11.39 -19.63 15.41
C ILE A 214 -10.55 -20.09 14.23
N HIS A 215 -9.34 -19.59 14.19
CA HIS A 215 -8.46 -19.90 13.10
C HIS A 215 -7.91 -21.28 13.34
N ASN A 216 -7.46 -21.47 14.57
CA ASN A 216 -7.07 -22.77 15.10
C ASN A 216 -5.73 -23.33 14.69
N ASP A 217 -5.00 -22.60 13.88
CA ASP A 217 -3.59 -22.84 13.65
C ASP A 217 -2.89 -21.48 13.52
N PHE A 218 -3.07 -20.65 14.53
CA PHE A 218 -2.70 -19.28 14.39
C PHE A 218 -1.26 -19.12 14.76
N SER A 219 -0.37 -19.41 13.83
CA SER A 219 1.03 -19.24 14.07
C SER A 219 1.64 -18.24 13.09
N SER A 220 2.91 -17.91 13.33
CA SER A 220 3.64 -16.95 12.53
C SER A 220 3.77 -17.34 11.07
N ASP A 221 3.69 -18.62 10.80
CA ASP A 221 3.88 -19.07 9.46
C ASP A 221 2.70 -18.64 8.60
N HIS A 222 1.61 -18.24 9.25
CA HIS A 222 0.37 -17.91 8.54
C HIS A 222 0.02 -16.48 8.68
N ILE A 223 0.99 -15.71 9.17
CA ILE A 223 0.82 -14.28 9.24
C ILE A 223 1.71 -13.67 8.21
N LEU A 224 1.11 -13.03 7.22
CA LEU A 224 1.86 -12.41 6.18
C LEU A 224 2.16 -10.92 6.46
N PHE A 225 3.31 -10.48 5.99
CA PHE A 225 3.86 -9.19 6.36
C PHE A 225 4.42 -8.45 5.14
N ASP A 226 4.23 -7.13 5.10
CA ASP A 226 4.79 -6.27 4.01
C ASP A 226 6.10 -5.60 4.42
N THR A 227 7.18 -5.96 3.72
CA THR A 227 8.49 -5.40 4.04
C THR A 227 8.57 -3.88 3.73
N GLU A 228 7.85 -3.39 2.70
CA GLU A 228 7.78 -1.94 2.46
C GLU A 228 7.14 -1.22 3.64
N LYS A 229 5.86 -1.50 3.91
CA LYS A 229 5.05 -0.72 4.85
C LYS A 229 5.37 -1.05 6.30
N ASN A 230 6.03 -2.17 6.50
CA ASN A 230 6.20 -2.74 7.82
C ASN A 230 4.88 -2.83 8.57
N THR A 231 3.92 -3.50 7.94
CA THR A 231 2.66 -3.82 8.58
C THR A 231 2.13 -5.16 8.09
N ILE A 232 1.31 -5.76 8.92
CA ILE A 232 0.79 -7.07 8.58
C ILE A 232 -0.13 -6.94 7.42
N CYS A 233 0.02 -7.79 6.41
CA CYS A 233 -0.74 -7.62 5.17
C CYS A 233 -1.65 -8.79 4.74
N GLY A 234 -1.74 -9.85 5.55
CA GLY A 234 -2.67 -10.92 5.31
C GLY A 234 -2.58 -12.04 6.35
N ILE A 235 -3.61 -12.89 6.34
CA ILE A 235 -3.69 -14.09 7.17
C ILE A 235 -4.08 -15.24 6.23
N ILE A 236 -3.55 -16.47 6.47
CA ILE A 236 -3.71 -17.49 5.44
C ILE A 236 -4.02 -18.97 5.62
N ASP A 237 -4.03 -19.63 6.75
CA ASP A 237 -4.48 -21.04 6.56
C ASP A 237 -5.64 -21.44 7.40
N PHE A 238 -6.75 -21.50 6.72
CA PHE A 238 -7.96 -21.66 7.45
C PHE A 238 -8.43 -23.11 7.38
N GLY A 239 -7.58 -23.98 6.81
CA GLY A 239 -7.83 -25.43 6.81
C GLY A 239 -8.25 -26.07 8.14
N ASP A 240 -7.80 -25.52 9.26
CA ASP A 240 -8.11 -26.11 10.58
C ASP A 240 -9.16 -25.35 11.34
N ALA A 241 -9.66 -24.27 10.73
CA ALA A 241 -10.63 -23.40 11.38
C ALA A 241 -11.86 -24.18 11.79
N ALA A 242 -12.43 -23.76 12.91
CA ALA A 242 -13.52 -24.48 13.57
C ALA A 242 -14.17 -23.64 14.65
N ILE A 243 -15.29 -24.13 15.13
CA ILE A 243 -15.96 -23.41 16.21
C ILE A 243 -15.47 -24.06 17.44
N SER A 244 -14.72 -23.30 18.21
CA SER A 244 -14.08 -23.85 19.39
C SER A 244 -13.78 -22.76 20.39
N ASP A 245 -12.85 -23.01 21.31
CA ASP A 245 -12.43 -22.04 22.33
C ASP A 245 -11.51 -20.96 21.74
N PRO A 246 -11.93 -19.68 21.78
CA PRO A 246 -11.09 -18.59 21.23
C PRO A 246 -9.71 -18.45 21.86
N ASP A 247 -9.53 -18.96 23.08
CA ASP A 247 -8.25 -18.89 23.74
C ASP A 247 -7.21 -19.63 22.92
N ASN A 248 -7.63 -20.54 22.05
CA ASN A 248 -6.70 -21.32 21.22
C ASN A 248 -5.90 -20.51 20.23
N ASP A 249 -6.41 -19.35 19.86
CA ASP A 249 -5.74 -18.50 18.86
C ASP A 249 -4.63 -17.66 19.48
N PHE A 250 -4.64 -17.56 20.82
CA PHE A 250 -3.58 -16.93 21.54
C PHE A 250 -2.51 -17.95 21.93
N ILE A 251 -2.92 -19.14 22.35
CA ILE A 251 -1.98 -20.18 22.80
C ILE A 251 -0.94 -20.59 21.76
N SER A 252 -1.37 -20.63 20.49
CA SER A 252 -0.54 -21.07 19.38
C SER A 252 0.63 -20.16 19.07
N LEU A 253 0.52 -18.91 19.52
CA LEU A 253 1.58 -17.92 19.41
C LEU A 253 2.58 -17.88 20.59
N MET A 254 2.25 -18.54 21.70
CA MET A 254 3.04 -18.41 22.92
C MET A 254 4.31 -19.23 23.01
N GLU A 255 4.48 -20.32 22.25
CA GLU A 255 5.69 -21.12 22.48
C GLU A 255 6.95 -20.36 22.07
N ASP A 256 7.94 -20.36 22.95
CA ASP A 256 8.99 -19.36 22.95
C ASP A 256 10.01 -19.61 21.88
N ASP A 257 10.40 -20.86 21.69
CA ASP A 257 11.40 -21.11 20.67
C ASP A 257 10.81 -20.87 19.27
N GLU A 258 9.76 -21.58 18.90
CA GLU A 258 9.32 -21.54 17.50
C GLU A 258 8.40 -20.38 17.15
N GLU A 259 7.65 -19.86 18.10
CA GLU A 259 6.71 -18.79 17.81
C GLU A 259 7.07 -17.55 18.61
N TYR A 260 6.17 -16.57 18.70
CA TYR A 260 6.49 -15.35 19.48
C TYR A 260 6.52 -15.59 20.98
N GLY A 261 6.89 -14.60 21.74
CA GLY A 261 7.00 -14.84 23.16
C GLY A 261 5.65 -15.09 23.81
N MET A 262 5.72 -15.32 25.11
CA MET A 262 4.62 -14.97 26.00
C MET A 262 4.54 -13.45 26.16
N GLU A 263 5.69 -12.79 26.09
CA GLU A 263 5.74 -11.37 26.36
C GLU A 263 5.05 -10.62 25.25
N PHE A 264 5.30 -11.05 24.01
CA PHE A 264 4.61 -10.45 22.87
C PHE A 264 3.15 -10.78 22.91
N VAL A 265 2.79 -12.05 23.14
CA VAL A 265 1.36 -12.40 23.11
C VAL A 265 0.57 -11.66 24.21
N SER A 266 1.24 -11.35 25.34
CA SER A 266 0.70 -10.49 26.42
C SER A 266 0.17 -9.14 25.96
N LYS A 267 0.83 -8.56 24.96
CA LYS A 267 0.40 -7.29 24.39
C LYS A 267 -0.85 -7.45 23.54
N ILE A 268 -0.88 -8.51 22.76
CA ILE A 268 -2.03 -8.77 21.92
C ILE A 268 -3.24 -8.85 22.83
N LEU A 269 -3.08 -9.59 23.91
CA LEU A 269 -4.20 -9.83 24.79
C LEU A 269 -4.74 -8.56 25.38
N ASN A 270 -3.87 -7.61 25.68
CA ASN A 270 -4.33 -6.35 26.27
C ASN A 270 -5.18 -5.54 25.28
N HIS A 271 -4.74 -5.43 24.03
CA HIS A 271 -5.53 -4.76 22.99
C HIS A 271 -6.80 -5.48 22.64
N TYR A 272 -6.79 -6.79 22.78
CA TYR A 272 -7.97 -7.64 22.64
C TYR A 272 -8.90 -7.52 23.87
N LYS A 273 -8.38 -6.90 24.94
CA LYS A 273 -9.14 -6.68 26.18
C LYS A 273 -9.68 -7.98 26.78
N HIS A 274 -8.78 -8.96 26.93
CA HIS A 274 -9.09 -10.29 27.49
C HIS A 274 -9.31 -10.14 29.00
N LYS A 275 -10.29 -10.88 29.55
CA LYS A 275 -10.63 -10.70 30.95
C LYS A 275 -9.96 -11.69 31.86
N ASP A 276 -9.55 -12.83 31.32
CA ASP A 276 -8.92 -13.83 32.14
C ASP A 276 -7.61 -14.39 31.61
N ILE A 277 -6.59 -13.57 31.63
CA ILE A 277 -5.30 -14.00 31.15
C ILE A 277 -4.74 -15.20 31.94
N PRO A 278 -4.98 -15.21 33.26
CA PRO A 278 -4.40 -16.34 34.03
C PRO A 278 -4.95 -17.67 33.53
N THR A 279 -6.21 -17.68 33.11
CA THR A 279 -6.82 -18.88 32.59
C THR A 279 -6.16 -19.34 31.31
N VAL A 280 -5.82 -18.38 30.48
CA VAL A 280 -5.22 -18.68 29.19
C VAL A 280 -3.86 -19.36 29.36
N LEU A 281 -3.12 -18.95 30.39
CA LEU A 281 -1.80 -19.51 30.64
C LEU A 281 -1.95 -20.92 31.18
N GLU A 282 -3.03 -21.13 31.92
CA GLU A 282 -3.34 -22.43 32.50
C GLU A 282 -3.64 -23.38 31.34
N LYS A 283 -4.37 -22.89 30.36
CA LYS A 283 -4.65 -23.72 29.19
C LYS A 283 -3.41 -24.02 28.35
N TYR A 284 -2.55 -23.02 28.19
CA TYR A 284 -1.27 -23.20 27.50
C TYR A 284 -0.44 -24.34 28.11
N ARG A 285 -0.34 -24.35 29.44
CA ARG A 285 0.51 -25.31 30.09
C ARG A 285 -0.02 -26.69 29.85
N MET A 286 -1.33 -26.81 29.85
CA MET A 286 -1.96 -28.09 29.54
C MET A 286 -1.67 -28.50 28.10
N LYS A 287 -1.93 -27.62 27.15
CA LYS A 287 -1.77 -27.99 25.75
C LYS A 287 -0.37 -28.41 25.38
N GLU A 288 0.59 -27.85 26.10
CA GLU A 288 1.99 -28.06 25.86
C GLU A 288 2.34 -29.46 26.28
N LYS A 289 1.91 -29.83 27.49
CA LYS A 289 1.99 -31.23 27.94
C LYS A 289 1.17 -32.13 27.03
N TYR A 290 -0.01 -31.70 26.65
CA TYR A 290 -0.86 -32.55 25.88
C TYR A 290 -0.23 -32.88 24.54
N TRP A 291 0.60 -31.99 24.01
CA TRP A 291 1.10 -32.16 22.64
C TRP A 291 1.88 -33.47 22.49
N SER A 292 2.47 -33.91 23.60
CA SER A 292 3.16 -35.18 23.66
C SER A 292 2.31 -36.28 23.12
N PHE A 293 1.07 -36.34 23.57
CA PHE A 293 0.11 -37.37 23.17
C PHE A 293 -0.32 -37.18 21.73
N GLU A 294 -0.52 -35.94 21.31
CA GLU A 294 -0.86 -35.68 19.93
C GLU A 294 0.21 -36.18 18.94
N LYS A 295 1.48 -36.06 19.27
CA LYS A 295 2.55 -36.61 18.42
C LYS A 295 2.34 -38.08 18.14
N ILE A 296 1.88 -38.80 19.14
CA ILE A 296 1.67 -40.25 19.02
C ILE A 296 0.54 -40.57 18.07
N ILE A 297 -0.51 -39.78 18.16
CA ILE A 297 -1.69 -40.01 17.38
C ILE A 297 -1.45 -39.59 15.94
N TYR A 298 -0.91 -38.40 15.79
CA TYR A 298 -0.65 -37.84 14.48
C TYR A 298 0.47 -38.64 13.83
N GLY A 299 1.46 -38.99 14.64
CA GLY A 299 2.55 -39.83 14.20
C GLY A 299 2.12 -41.15 13.61
N LYS A 300 1.13 -41.81 14.20
CA LYS A 300 0.66 -43.12 13.71
C LYS A 300 -0.15 -42.96 12.42
N GLU A 301 -0.99 -41.94 12.31
CA GLU A 301 -1.80 -41.79 11.10
C GLU A 301 -1.14 -41.01 9.96
N TYR A 302 -0.16 -40.16 10.26
CA TYR A 302 0.61 -39.43 9.17
C TYR A 302 1.68 -40.16 8.30
N GLY A 303 2.20 -41.35 8.61
CA GLY A 303 2.77 -41.71 9.86
C GLY A 303 4.25 -41.32 9.84
N TYR A 304 4.57 -40.30 10.61
CA TYR A 304 5.93 -39.96 11.04
C TYR A 304 6.37 -40.76 12.27
N MET A 305 7.12 -41.86 12.06
CA MET A 305 7.52 -42.74 13.17
C MET A 305 8.45 -42.06 14.18
N ASP A 306 9.14 -41.01 13.76
CA ASP A 306 9.96 -40.20 14.67
C ASP A 306 9.11 -39.36 15.62
N TRP A 307 7.94 -38.92 15.16
CA TRP A 307 6.94 -38.32 16.04
C TRP A 307 6.49 -39.33 17.11
N TYR A 308 6.20 -40.55 16.65
CA TYR A 308 5.76 -41.63 17.51
C TYR A 308 6.84 -42.01 18.54
N GLU A 309 8.10 -42.11 18.12
CA GLU A 309 9.14 -42.50 19.07
C GLU A 309 9.34 -41.39 20.12
N GLU A 310 9.36 -40.14 19.67
CA GLU A 310 9.48 -39.00 20.59
C GLU A 310 8.46 -38.95 21.70
N GLY A 311 7.19 -38.92 21.31
CA GLY A 311 6.08 -38.90 22.26
C GLY A 311 6.12 -40.03 23.26
N LEU A 312 6.54 -41.20 22.82
CA LEU A 312 6.67 -42.36 23.70
C LEU A 312 7.72 -42.12 24.79
N ASN A 313 8.80 -41.42 24.47
CA ASN A 313 9.79 -41.12 25.48
C ASN A 313 9.40 -40.02 26.44
N GLU A 314 8.70 -39.01 25.93
CA GLU A 314 8.24 -37.90 26.78
C GLU A 314 7.19 -38.33 27.76
N ILE A 315 6.37 -39.25 27.30
CA ILE A 315 5.32 -39.82 28.10
C ILE A 315 5.91 -40.47 29.33
N ARG A 316 6.94 -41.28 29.10
CA ARG A 316 7.48 -42.07 30.18
C ARG A 316 7.74 -41.21 31.41
N SER A 317 7.99 -39.91 31.25
CA SER A 317 7.89 -39.01 32.41
C SER A 317 6.43 -38.80 32.86
N ARG B 22 7.03 40.46 -24.56
CA ARG B 22 7.00 41.64 -23.62
C ARG B 22 8.18 41.61 -22.66
N THR B 23 8.72 42.80 -22.39
CA THR B 23 9.82 42.92 -21.47
C THR B 23 9.72 44.26 -20.78
N TYR B 24 10.29 44.36 -19.59
CA TYR B 24 10.17 45.56 -18.78
C TYR B 24 11.53 46.13 -18.45
N THR B 25 11.66 47.44 -18.43
CA THR B 25 12.84 48.08 -17.88
C THR B 25 12.62 48.34 -16.42
N PHE B 26 13.68 48.64 -15.71
CA PHE B 26 13.55 48.90 -14.28
C PHE B 26 12.63 50.08 -14.00
N ASP B 27 12.80 51.17 -14.75
CA ASP B 27 11.96 52.36 -14.58
C ASP B 27 10.52 52.00 -14.75
N GLN B 28 10.19 51.34 -15.86
CA GLN B 28 8.83 50.93 -16.16
C GLN B 28 8.21 50.29 -14.94
N VAL B 29 8.89 49.30 -14.39
CA VAL B 29 8.42 48.56 -13.22
C VAL B 29 8.19 49.47 -12.01
N GLU B 30 9.10 50.39 -11.78
CA GLU B 30 8.99 51.25 -10.63
C GLU B 30 7.75 52.11 -10.73
N LYS B 31 7.49 52.64 -11.94
CA LYS B 31 6.29 53.47 -12.18
C LYS B 31 5.05 52.71 -11.85
N ALA B 32 4.93 51.52 -12.44
CA ALA B 32 3.78 50.66 -12.20
C ALA B 32 3.38 50.61 -10.74
N ILE B 33 4.35 50.34 -9.88
CA ILE B 33 4.07 50.12 -8.48
C ILE B 33 3.78 51.44 -7.77
N GLU B 34 4.68 52.41 -7.93
CA GLU B 34 4.55 53.70 -7.25
C GLU B 34 3.19 54.37 -7.55
N GLN B 35 2.72 54.09 -8.77
CA GLN B 35 1.46 54.59 -9.25
C GLN B 35 0.33 54.09 -8.40
N LEU B 36 0.14 52.78 -8.31
CA LEU B 36 -0.95 52.24 -7.47
C LEU B 36 -0.63 52.23 -5.96
N TYR B 37 0.62 52.46 -5.61
CA TYR B 37 1.08 52.41 -4.23
C TYR B 37 2.03 53.55 -3.90
N PRO B 38 1.55 54.79 -3.96
CA PRO B 38 2.43 55.95 -3.80
C PRO B 38 3.14 56.02 -2.46
N ASP B 39 2.49 55.54 -1.40
CA ASP B 39 3.08 55.61 -0.07
C ASP B 39 3.85 54.33 0.22
N PHE B 40 4.74 54.01 -0.71
CA PHE B 40 5.62 52.86 -0.61
C PHE B 40 6.82 53.17 -1.47
N THR B 41 7.99 53.35 -0.84
CA THR B 41 9.19 53.73 -1.58
C THR B 41 10.11 52.52 -1.81
N ILE B 42 10.56 52.40 -3.04
CA ILE B 42 11.44 51.34 -3.49
C ILE B 42 12.89 51.77 -3.29
N ASN B 43 13.65 50.99 -2.55
CA ASN B 43 15.08 51.29 -2.35
C ASN B 43 15.97 50.44 -3.24
N THR B 44 15.87 49.13 -3.08
CA THR B 44 16.65 48.23 -3.87
C THR B 44 15.67 47.49 -4.75
N ILE B 45 15.95 47.49 -6.03
CA ILE B 45 15.24 46.64 -6.96
C ILE B 45 16.28 45.91 -7.79
N GLN B 46 16.07 44.62 -7.99
CA GLN B 46 16.91 43.80 -8.84
C GLN B 46 16.18 42.56 -9.28
N ILE B 47 16.73 41.85 -10.25
CA ILE B 47 16.00 40.74 -10.87
C ILE B 47 16.34 39.45 -10.18
N SER B 48 15.35 38.78 -9.58
CA SER B 48 15.62 37.56 -8.80
C SER B 48 15.62 36.37 -9.75
N GLY B 49 14.72 36.42 -10.72
CA GLY B 49 14.74 35.42 -11.75
C GLY B 49 13.65 35.60 -12.78
N LYS B 50 13.76 34.83 -13.84
CA LYS B 50 12.93 34.96 -15.02
C LYS B 50 12.39 33.61 -15.48
N GLY B 51 11.08 33.52 -15.58
CA GLY B 51 10.42 32.29 -15.97
C GLY B 51 9.92 32.32 -17.39
N ASN B 52 9.12 31.32 -17.73
CA ASN B 52 8.48 31.25 -19.04
C ASN B 52 7.26 32.18 -19.11
N ASP B 53 6.70 32.58 -17.97
CA ASP B 53 5.47 33.43 -17.87
C ASP B 53 5.68 34.81 -17.23
N CYS B 54 6.59 34.90 -16.26
CA CYS B 54 6.81 36.14 -15.50
C CYS B 54 8.29 36.40 -15.31
N ILE B 55 8.62 37.66 -15.20
CA ILE B 55 9.91 38.05 -14.71
C ILE B 55 9.66 38.37 -13.25
N ALA B 56 10.62 38.02 -12.41
CA ALA B 56 10.45 38.20 -10.97
C ALA B 56 11.47 39.21 -10.51
N TYR B 57 10.98 40.31 -9.92
CA TYR B 57 11.80 41.39 -9.38
C TYR B 57 11.74 41.36 -7.85
N GLU B 58 12.90 41.59 -7.21
CA GLU B 58 13.02 41.62 -5.74
C GLU B 58 13.21 43.04 -5.26
N ILE B 59 12.25 43.50 -4.50
CA ILE B 59 12.14 44.90 -4.25
C ILE B 59 12.31 45.13 -2.80
N ASN B 60 13.11 46.17 -2.48
CA ASN B 60 13.66 46.29 -1.16
C ASN B 60 14.38 44.96 -1.06
N ARG B 61 14.34 44.31 0.08
CA ARG B 61 14.92 42.99 0.09
C ARG B 61 13.90 42.01 0.60
N ASP B 62 12.66 42.45 0.68
CA ASP B 62 11.65 41.70 1.40
C ASP B 62 10.52 41.20 0.51
N PHE B 63 10.51 41.59 -0.75
CA PHE B 63 9.35 41.30 -1.59
C PHE B 63 9.76 40.75 -2.97
N ILE B 64 8.98 39.80 -3.47
CA ILE B 64 9.10 39.37 -4.88
C ILE B 64 7.89 39.87 -5.65
N PHE B 65 8.17 40.69 -6.63
CA PHE B 65 7.10 41.21 -7.48
C PHE B 65 7.19 40.47 -8.81
N LYS B 66 6.06 39.94 -9.24
CA LYS B 66 6.03 39.32 -10.53
C LYS B 66 5.30 40.15 -11.56
N PHE B 67 5.90 40.20 -12.74
CA PHE B 67 5.30 40.85 -13.90
C PHE B 67 5.15 39.83 -15.03
N PRO B 68 3.97 39.79 -15.65
CA PRO B 68 3.73 38.81 -16.70
C PRO B 68 4.32 39.24 -18.01
N LYS B 69 4.80 38.26 -18.76
CA LYS B 69 5.42 38.48 -20.05
C LYS B 69 4.44 38.33 -21.16
N HIS B 70 3.23 37.94 -20.81
CA HIS B 70 2.19 37.77 -21.79
C HIS B 70 0.86 37.37 -21.17
N SER B 71 -0.15 37.25 -22.02
CA SER B 71 -1.49 37.15 -21.53
C SER B 71 -1.70 35.93 -20.66
N ARG B 72 -1.28 34.75 -21.14
CA ARG B 72 -1.43 33.53 -20.36
C ARG B 72 -0.73 33.65 -19.00
N GLY B 73 0.40 34.34 -18.99
CA GLY B 73 1.18 34.50 -17.78
C GLY B 73 0.37 35.37 -16.84
N SER B 74 -0.25 36.36 -17.42
CA SER B 74 -1.08 37.25 -16.67
C SER B 74 -2.18 36.46 -15.97
N THR B 75 -2.83 35.60 -16.74
CA THR B 75 -3.85 34.73 -16.17
C THR B 75 -3.29 33.87 -15.04
N ASN B 76 -2.12 33.25 -15.23
CA ASN B 76 -1.56 32.44 -14.15
C ASN B 76 -1.35 33.27 -12.88
N LEU B 77 -0.84 34.46 -13.08
CA LEU B 77 -0.57 35.35 -11.97
C LEU B 77 -1.82 35.55 -11.13
N PHE B 78 -2.89 35.91 -11.84
CA PHE B 78 -4.21 36.08 -11.22
C PHE B 78 -4.52 34.86 -10.34
N ASN B 79 -4.41 33.66 -10.91
CA ASN B 79 -4.75 32.44 -10.19
C ASN B 79 -3.89 32.25 -8.99
N GLU B 80 -2.60 32.45 -9.17
CA GLU B 80 -1.70 32.38 -8.05
C GLU B 80 -2.20 33.31 -6.94
N VAL B 81 -2.54 34.54 -7.28
CA VAL B 81 -3.06 35.46 -6.27
C VAL B 81 -4.33 34.95 -5.63
N ASN B 82 -5.29 34.61 -6.47
N ASN B 82 -5.30 34.60 -6.47
CA ASN B 82 -6.58 34.12 -5.99
CA ASN B 82 -6.61 34.18 -5.97
C ASN B 82 -6.36 32.97 -5.06
C ASN B 82 -6.49 32.89 -5.16
N ILE B 83 -5.49 32.07 -5.48
CA ILE B 83 -5.28 30.87 -4.72
C ILE B 83 -4.55 31.12 -3.40
N LEU B 84 -3.52 31.95 -3.39
CA LEU B 84 -2.75 32.09 -2.18
C LEU B 84 -3.56 32.77 -1.13
N LYS B 85 -4.33 33.76 -1.52
CA LYS B 85 -5.24 34.36 -0.60
C LYS B 85 -6.07 33.32 0.15
N ARG B 86 -6.61 32.33 -0.58
CA ARG B 86 -7.55 31.40 0.03
C ARG B 86 -6.90 30.42 0.90
N ILE B 87 -5.75 29.94 0.50
CA ILE B 87 -5.06 28.94 1.30
C ILE B 87 -4.04 29.59 2.24
N HIS B 88 -4.18 30.88 2.52
CA HIS B 88 -3.14 31.63 3.21
C HIS B 88 -2.66 31.10 4.57
N ASN B 89 -3.52 30.61 5.42
CA ASN B 89 -2.97 30.27 6.71
C ASN B 89 -3.12 28.80 7.04
N LYS B 90 -3.09 27.94 6.02
CA LYS B 90 -3.59 26.58 6.18
C LYS B 90 -2.57 25.47 6.01
N LEU B 91 -1.39 25.77 5.50
CA LEU B 91 -0.45 24.69 5.22
C LEU B 91 0.70 24.59 6.24
N PRO B 92 1.31 23.39 6.38
CA PRO B 92 2.41 23.18 7.33
C PRO B 92 3.63 24.06 7.11
N LEU B 93 4.08 24.17 5.87
CA LEU B 93 5.26 24.97 5.57
C LEU B 93 4.86 26.36 5.14
N PRO B 94 5.75 27.34 5.29
CA PRO B 94 5.50 28.66 4.74
C PRO B 94 5.28 28.67 3.24
N ILE B 95 4.30 29.47 2.80
CA ILE B 95 4.10 29.85 1.41
C ILE B 95 3.99 31.38 1.35
N PRO B 96 4.12 31.92 0.14
CA PRO B 96 4.12 33.36 0.03
C PRO B 96 2.78 33.97 0.40
N GLU B 97 2.84 35.22 0.82
CA GLU B 97 1.67 35.98 1.21
C GLU B 97 1.53 37.11 0.20
N VAL B 98 0.29 37.37 -0.22
CA VAL B 98 0.02 38.44 -1.16
C VAL B 98 -0.13 39.79 -0.44
N VAL B 99 0.53 40.80 -0.97
CA VAL B 99 0.66 42.10 -0.29
C VAL B 99 0.28 43.25 -1.21
N PHE B 100 0.62 43.10 -2.49
CA PHE B 100 0.40 44.12 -3.50
C PHE B 100 -0.24 43.52 -4.74
N THR B 101 -1.21 44.23 -5.28
CA THR B 101 -1.86 43.78 -6.49
C THR B 101 -1.94 44.87 -7.54
N GLY B 102 -1.94 44.44 -8.80
CA GLY B 102 -2.04 45.31 -9.95
C GLY B 102 -3.49 45.42 -10.39
N MET B 103 -3.68 45.84 -11.64
CA MET B 103 -5.02 46.06 -12.21
C MET B 103 -5.16 45.32 -13.51
N PRO B 104 -6.40 45.00 -13.87
CA PRO B 104 -6.59 44.42 -15.19
C PRO B 104 -6.33 45.47 -16.20
N SER B 105 -5.95 45.06 -17.40
CA SER B 105 -5.54 46.00 -18.40
C SER B 105 -5.39 45.36 -19.75
N GLU B 106 -6.17 45.88 -20.70
CA GLU B 106 -6.00 45.47 -22.09
C GLU B 106 -6.18 43.96 -22.08
N THR B 107 -5.24 43.22 -22.67
CA THR B 107 -5.26 41.78 -22.63
C THR B 107 -4.77 41.21 -21.29
N TYR B 108 -4.02 41.96 -20.48
CA TYR B 108 -3.54 41.38 -19.20
C TYR B 108 -4.54 41.45 -18.05
N GLN B 109 -4.92 40.29 -17.56
CA GLN B 109 -5.88 40.17 -16.50
C GLN B 109 -5.42 40.76 -15.18
N MET B 110 -4.14 40.66 -14.95
CA MET B 110 -3.51 41.21 -13.76
C MET B 110 -2.15 41.80 -14.16
N SER B 111 -2.00 43.09 -13.87
CA SER B 111 -0.85 43.91 -14.25
C SER B 111 0.51 43.40 -13.73
N PHE B 112 0.50 43.04 -12.45
CA PHE B 112 1.62 42.53 -11.68
C PHE B 112 1.09 42.11 -10.30
N ALA B 113 1.97 41.54 -9.49
CA ALA B 113 1.61 41.23 -8.11
C ALA B 113 2.86 41.15 -7.23
N GLY B 114 2.69 41.38 -5.94
CA GLY B 114 3.81 41.44 -5.01
C GLY B 114 3.64 40.53 -3.81
N PHE B 115 4.49 39.51 -3.70
CA PHE B 115 4.44 38.57 -2.58
C PHE B 115 5.64 38.76 -1.67
N THR B 116 5.43 38.39 -0.41
CA THR B 116 6.52 38.37 0.55
C THR B 116 7.57 37.37 0.07
N LYS B 117 8.82 37.74 0.27
CA LYS B 117 9.95 36.85 0.03
C LYS B 117 10.06 35.83 1.14
N ILE B 118 10.54 34.68 0.77
CA ILE B 118 10.75 33.62 1.71
C ILE B 118 12.23 33.27 1.73
N LYS B 119 12.80 33.33 2.93
CA LYS B 119 14.19 32.98 3.13
C LYS B 119 14.39 31.51 2.71
N GLY B 120 15.45 31.23 1.96
CA GLY B 120 15.76 29.87 1.61
C GLY B 120 16.56 29.70 0.33
N VAL B 121 17.05 28.47 0.17
CA VAL B 121 17.74 28.01 -1.02
C VAL B 121 16.93 26.89 -1.63
N PRO B 122 16.90 26.83 -2.97
CA PRO B 122 16.21 25.67 -3.55
C PRO B 122 16.91 24.37 -3.23
N LEU B 123 16.09 23.38 -2.90
CA LEU B 123 16.58 22.12 -2.41
C LEU B 123 16.87 21.28 -3.64
N THR B 124 17.98 21.62 -4.29
CA THR B 124 18.40 20.94 -5.49
C THR B 124 18.76 19.54 -5.11
N PRO B 125 18.58 18.59 -6.05
CA PRO B 125 18.91 17.17 -5.81
C PRO B 125 20.32 16.92 -5.29
N LEU B 126 21.27 17.68 -5.80
CA LEU B 126 22.62 17.70 -5.26
C LEU B 126 22.59 17.94 -3.75
N LEU B 127 22.02 19.08 -3.37
CA LEU B 127 21.96 19.48 -1.99
C LEU B 127 21.36 18.39 -1.16
N LEU B 128 20.24 17.90 -1.67
CA LEU B 128 19.49 16.88 -1.02
C LEU B 128 20.35 15.69 -0.63
N ASN B 129 21.25 15.28 -1.51
CA ASN B 129 22.06 14.09 -1.27
C ASN B 129 23.31 14.33 -0.46
N ASN B 130 23.62 15.59 -0.21
CA ASN B 130 24.73 15.96 0.68
C ASN B 130 24.29 16.05 2.13
N LEU B 131 22.99 16.07 2.33
CA LEU B 131 22.44 16.02 3.67
C LEU B 131 22.57 14.58 4.21
N PRO B 132 22.72 14.45 5.52
CA PRO B 132 22.73 13.11 6.10
C PRO B 132 21.39 12.40 5.93
N LYS B 133 21.42 11.06 5.86
CA LYS B 133 20.20 10.25 5.62
C LYS B 133 19.01 10.63 6.52
N GLN B 134 19.32 11.06 7.74
CA GLN B 134 18.32 11.52 8.68
C GLN B 134 17.57 12.79 8.19
N SER B 135 18.29 13.79 7.71
CA SER B 135 17.66 15.00 7.15
C SER B 135 16.97 14.74 5.79
N GLN B 136 17.54 13.78 5.05
CA GLN B 136 16.97 13.15 3.85
C GLN B 136 15.59 12.55 4.18
N ASN B 137 15.52 11.71 5.21
CA ASN B 137 14.26 11.06 5.59
C ASN B 137 13.24 12.02 6.16
N GLN B 138 13.74 13.13 6.69
CA GLN B 138 12.94 14.16 7.37
C GLN B 138 12.20 15.04 6.36
N ALA B 139 12.97 15.51 5.37
CA ALA B 139 12.43 16.24 4.24
C ALA B 139 11.34 15.45 3.49
N ALA B 140 11.58 14.17 3.30
CA ALA B 140 10.59 13.26 2.73
C ALA B 140 9.31 13.34 3.52
N LYS B 141 9.42 13.23 4.84
CA LYS B 141 8.25 13.30 5.69
C LYS B 141 7.61 14.68 5.63
N ASP B 142 8.42 15.73 5.60
CA ASP B 142 7.90 17.10 5.58
C ASP B 142 7.13 17.43 4.32
N LEU B 143 7.66 17.05 3.17
CA LEU B 143 6.92 17.22 1.92
C LEU B 143 5.64 16.40 1.93
N ALA B 144 5.71 15.13 2.30
CA ALA B 144 4.50 14.30 2.31
C ALA B 144 3.37 14.99 3.07
N ARG B 145 3.71 15.64 4.19
CA ARG B 145 2.67 16.25 5.04
C ARG B 145 2.09 17.42 4.30
N PHE B 146 2.94 18.18 3.65
CA PHE B 146 2.49 19.31 2.86
C PHE B 146 1.51 18.85 1.76
N LEU B 147 1.97 17.97 0.90
CA LEU B 147 1.12 17.45 -0.15
C LEU B 147 -0.15 16.89 0.42
N SER B 148 -0.02 16.20 1.53
CA SER B 148 -1.18 15.64 2.17
C SER B 148 -2.20 16.72 2.57
N GLU B 149 -1.76 17.73 3.31
CA GLU B 149 -2.65 18.86 3.69
C GLU B 149 -3.27 19.61 2.48
N LEU B 150 -2.44 19.95 1.51
CA LEU B 150 -2.84 20.68 0.34
C LEU B 150 -3.93 19.98 -0.42
N HIS B 151 -3.72 18.69 -0.66
CA HIS B 151 -4.71 17.85 -1.32
C HIS B 151 -5.94 17.60 -0.48
N SER B 152 -5.89 17.96 0.80
CA SER B 152 -7.05 17.81 1.64
C SER B 152 -7.92 19.04 1.62
N ILE B 153 -7.39 20.16 1.17
CA ILE B 153 -8.15 21.42 1.22
C ILE B 153 -9.47 21.28 0.50
N ASN B 154 -10.49 21.90 1.08
CA ASN B 154 -11.82 21.82 0.56
C ASN B 154 -12.04 22.61 -0.72
N ILE B 155 -12.42 21.87 -1.78
CA ILE B 155 -12.55 22.42 -3.12
C ILE B 155 -13.88 23.05 -3.47
N SER B 156 -14.84 22.93 -2.58
CA SER B 156 -16.19 23.30 -2.93
C SER B 156 -16.36 24.77 -3.30
N GLY B 157 -15.46 25.63 -2.82
CA GLY B 157 -15.59 27.08 -3.04
C GLY B 157 -14.98 27.64 -4.31
N PHE B 158 -13.97 26.96 -4.83
CA PHE B 158 -13.33 27.40 -6.06
C PHE B 158 -14.25 27.40 -7.29
N LYS B 159 -14.07 28.38 -8.17
CA LYS B 159 -14.86 28.44 -9.39
C LYS B 159 -14.37 27.38 -10.35
N SER B 160 -15.24 27.01 -11.28
CA SER B 160 -15.03 25.88 -12.19
C SER B 160 -13.79 25.97 -13.06
N ASN B 161 -13.52 27.16 -13.59
CA ASN B 161 -12.36 27.41 -14.39
C ASN B 161 -11.04 26.96 -13.77
N LEU B 162 -10.99 26.83 -12.46
CA LEU B 162 -9.81 26.24 -11.79
C LEU B 162 -9.65 24.74 -12.03
N VAL B 163 -10.75 24.06 -12.35
CA VAL B 163 -10.72 22.63 -12.66
C VAL B 163 -10.11 22.48 -14.01
N LEU B 164 -8.97 21.86 -14.02
CA LEU B 164 -8.34 21.44 -15.24
C LEU B 164 -8.93 20.10 -15.63
N ASP B 165 -9.59 20.08 -16.78
CA ASP B 165 -10.19 18.89 -17.38
C ASP B 165 -9.17 18.22 -18.28
N PHE B 166 -8.65 17.07 -17.88
CA PHE B 166 -7.47 16.51 -18.57
C PHE B 166 -7.82 15.98 -19.94
N ARG B 167 -8.93 15.27 -19.99
CA ARG B 167 -9.45 14.78 -21.25
C ARG B 167 -9.65 15.90 -22.30
N GLU B 168 -9.98 17.12 -21.88
CA GLU B 168 -10.07 18.25 -22.83
C GLU B 168 -8.70 18.67 -23.27
N LYS B 169 -7.78 18.76 -22.32
CA LYS B 169 -6.45 19.20 -22.62
C LYS B 169 -5.86 18.35 -23.72
N ILE B 170 -6.05 17.05 -23.59
CA ILE B 170 -5.51 16.06 -24.54
C ILE B 170 -6.12 16.31 -25.90
N ASN B 171 -7.43 16.29 -25.98
CA ASN B 171 -8.10 16.52 -27.23
C ASN B 171 -7.63 17.80 -27.83
N GLU B 172 -7.49 18.84 -27.01
CA GLU B 172 -7.06 20.15 -27.52
C GLU B 172 -5.65 20.02 -28.12
N ASP B 173 -4.77 19.36 -27.38
CA ASP B 173 -3.40 19.11 -27.84
C ASP B 173 -3.35 18.33 -29.15
N ASN B 174 -4.10 17.23 -29.20
CA ASN B 174 -4.16 16.42 -30.43
C ASN B 174 -4.42 17.29 -31.67
N LYS B 175 -5.41 18.18 -31.58
CA LYS B 175 -5.74 19.08 -32.67
C LYS B 175 -4.62 20.07 -33.04
N LYS B 176 -4.02 20.71 -32.03
CA LYS B 176 -2.93 21.67 -32.28
C LYS B 176 -1.81 20.97 -32.99
N ILE B 177 -1.54 19.73 -32.60
CA ILE B 177 -0.47 18.92 -33.21
C ILE B 177 -0.66 18.65 -34.70
N LYS B 178 -1.85 18.18 -35.05
CA LYS B 178 -2.13 17.89 -36.44
C LYS B 178 -1.98 19.12 -37.32
N LYS B 179 -2.42 20.28 -36.85
CA LYS B 179 -2.11 21.51 -37.59
C LYS B 179 -0.60 21.64 -37.73
N LEU B 180 0.11 21.72 -36.62
CA LEU B 180 1.53 22.04 -36.63
C LEU B 180 2.38 21.00 -37.29
N LEU B 181 1.88 19.78 -37.44
CA LEU B 181 2.72 18.71 -38.01
C LEU B 181 2.35 18.21 -39.39
N SER B 182 1.33 18.77 -40.01
CA SER B 182 0.81 18.15 -41.22
C SER B 182 1.84 18.03 -42.33
N ARG B 183 2.57 19.11 -42.66
CA ARG B 183 3.69 19.00 -43.61
C ARG B 183 5.02 19.03 -42.88
N GLU B 184 5.13 18.16 -41.89
CA GLU B 184 6.42 17.78 -41.32
C GLU B 184 6.59 16.27 -41.29
N LEU B 185 5.52 15.55 -41.58
CA LEU B 185 5.41 14.14 -41.24
C LEU B 185 4.65 13.39 -42.29
N LYS B 186 5.04 12.15 -42.49
CA LYS B 186 4.44 11.29 -43.46
C LYS B 186 3.28 10.49 -42.87
N GLY B 187 2.38 10.04 -43.75
CA GLY B 187 1.23 9.26 -43.35
C GLY B 187 1.48 8.37 -42.16
N PRO B 188 2.35 7.36 -42.31
CA PRO B 188 2.60 6.38 -41.22
C PRO B 188 3.15 6.97 -39.91
N GLN B 189 3.82 8.12 -40.00
CA GLN B 189 4.32 8.80 -38.81
C GLN B 189 3.17 9.49 -38.10
N MET B 190 2.38 10.26 -38.85
CA MET B 190 1.15 10.87 -38.33
C MET B 190 0.17 9.87 -37.71
N LYS B 191 -0.02 8.73 -38.35
CA LYS B 191 -0.95 7.72 -37.87
C LYS B 191 -0.45 7.14 -36.60
N LYS B 192 0.86 7.18 -36.41
CA LYS B 192 1.41 6.75 -35.13
C LYS B 192 1.05 7.73 -34.02
N VAL B 193 0.92 9.04 -34.30
CA VAL B 193 0.51 9.98 -33.23
C VAL B 193 -0.96 9.77 -32.84
N ASP B 194 -1.81 9.60 -33.85
CA ASP B 194 -3.21 9.28 -33.62
C ASP B 194 -3.34 8.04 -32.77
N ASP B 195 -2.62 7.01 -33.16
CA ASP B 195 -2.57 5.80 -32.36
C ASP B 195 -2.19 6.11 -30.92
N PHE B 196 -1.14 6.92 -30.72
CA PHE B 196 -0.69 7.29 -29.37
C PHE B 196 -1.76 8.03 -28.55
N TYR B 197 -2.36 9.05 -29.16
CA TYR B 197 -3.45 9.79 -28.53
C TYR B 197 -4.66 8.92 -28.28
N ARG B 198 -5.02 8.09 -29.23
CA ARG B 198 -6.09 7.15 -29.02
C ARG B 198 -5.83 6.35 -27.74
N ASP B 199 -4.60 5.87 -27.54
CA ASP B 199 -4.30 4.96 -26.41
C ASP B 199 -4.40 5.65 -25.07
N ILE B 200 -4.01 6.89 -25.06
CA ILE B 200 -4.16 7.71 -23.89
C ILE B 200 -5.63 7.92 -23.58
N LEU B 201 -6.39 8.32 -24.59
CA LEU B 201 -7.80 8.63 -24.41
C LEU B 201 -8.67 7.39 -24.14
N GLU B 202 -8.27 6.23 -24.64
CA GLU B 202 -8.99 4.99 -24.33
C GLU B 202 -8.67 4.44 -22.94
N ASN B 203 -7.71 5.04 -22.24
CA ASN B 203 -7.33 4.52 -20.92
C ASN B 203 -7.93 5.28 -19.75
N GLU B 204 -8.88 4.65 -19.07
CA GLU B 204 -9.62 5.29 -18.01
C GLU B 204 -8.75 5.70 -16.83
N ILE B 205 -7.59 5.08 -16.65
CA ILE B 205 -6.78 5.33 -15.46
C ILE B 205 -6.27 6.77 -15.33
N TYR B 206 -6.04 7.42 -16.48
CA TYR B 206 -5.53 8.80 -16.54
C TYR B 206 -6.59 9.86 -16.23
N PHE B 207 -7.86 9.44 -16.09
CA PHE B 207 -8.97 10.37 -15.92
C PHE B 207 -9.84 10.06 -14.73
N LYS B 208 -9.78 8.84 -14.23
CA LYS B 208 -10.64 8.43 -13.15
C LYS B 208 -9.87 8.59 -11.87
N TYR B 209 -9.80 9.81 -11.38
CA TYR B 209 -9.16 10.13 -10.10
C TYR B 209 -10.09 11.01 -9.32
N TYR B 210 -9.82 11.20 -8.03
CA TYR B 210 -10.60 12.13 -7.23
C TYR B 210 -9.87 13.48 -7.28
N PRO B 211 -10.49 14.49 -7.95
CA PRO B 211 -9.82 15.78 -8.17
C PRO B 211 -9.61 16.55 -6.90
N CYS B 212 -8.51 17.25 -6.80
CA CYS B 212 -8.30 18.13 -5.67
C CYS B 212 -7.24 19.18 -5.96
N LEU B 213 -7.04 20.12 -5.05
CA LEU B 213 -6.15 21.23 -5.35
C LEU B 213 -4.75 20.70 -5.35
N ILE B 214 -4.03 21.01 -6.43
CA ILE B 214 -2.63 20.59 -6.56
C ILE B 214 -1.70 21.74 -6.89
N HIS B 215 -0.43 21.53 -6.67
CA HIS B 215 0.53 22.60 -6.89
C HIS B 215 0.79 22.69 -8.39
N ASN B 216 1.01 21.51 -8.96
CA ASN B 216 1.08 21.30 -10.39
C ASN B 216 2.35 21.68 -11.13
N ASP B 217 3.30 22.22 -10.40
CA ASP B 217 4.65 22.37 -10.87
C ASP B 217 5.56 22.05 -9.66
N PHE B 218 5.37 20.87 -9.08
CA PHE B 218 6.00 20.60 -7.82
C PHE B 218 7.38 20.01 -8.07
N SER B 219 8.34 20.91 -8.31
CA SER B 219 9.73 20.51 -8.50
C SER B 219 10.65 21.14 -7.45
N SER B 220 11.90 20.69 -7.47
CA SER B 220 12.94 21.14 -6.54
C SER B 220 13.26 22.63 -6.62
N ASP B 221 13.01 23.20 -7.77
CA ASP B 221 13.26 24.62 -7.93
C ASP B 221 12.29 25.45 -7.09
N HIS B 222 11.19 24.83 -6.65
CA HIS B 222 10.16 25.52 -5.88
C HIS B 222 10.06 25.03 -4.44
N ILE B 223 11.06 24.26 -4.01
CA ILE B 223 11.16 23.85 -2.62
C ILE B 223 12.33 24.56 -1.98
N LEU B 224 12.01 25.41 -1.02
CA LEU B 224 13.03 26.22 -0.38
C LEU B 224 13.53 25.56 0.92
N PHE B 225 14.82 25.77 1.21
CA PHE B 225 15.53 25.02 2.22
C PHE B 225 16.41 25.91 3.09
N ASP B 226 16.44 25.62 4.39
CA ASP B 226 17.27 26.38 5.36
C ASP B 226 18.58 25.69 5.66
N THR B 227 19.66 26.34 5.33
CA THR B 227 20.99 25.80 5.56
C THR B 227 21.30 25.65 7.03
N GLU B 228 20.86 26.59 7.86
CA GLU B 228 21.08 26.49 9.31
C GLU B 228 20.42 25.22 9.86
N LYS B 229 19.10 25.15 9.75
CA LYS B 229 18.31 24.10 10.40
C LYS B 229 18.36 22.78 9.66
N ASN B 230 18.79 22.81 8.41
CA ASN B 230 18.67 21.66 7.51
C ASN B 230 17.28 21.09 7.49
N THR B 231 16.34 21.98 7.21
CA THR B 231 14.95 21.58 7.03
C THR B 231 14.30 22.43 5.98
N ILE B 232 13.27 21.90 5.39
CA ILE B 232 12.58 22.64 4.35
C ILE B 232 11.88 23.82 4.96
N CYS B 233 12.01 25.00 4.35
CA CYS B 233 11.48 26.22 4.98
C CYS B 233 10.46 27.04 4.16
N GLY B 234 10.09 26.55 2.98
CA GLY B 234 9.03 27.16 2.17
C GLY B 234 8.77 26.48 0.84
N ILE B 235 7.61 26.81 0.24
CA ILE B 235 7.15 26.30 -1.07
C ILE B 235 6.66 27.51 -1.87
N ILE B 236 6.89 27.53 -3.20
CA ILE B 236 6.74 28.81 -3.86
C ILE B 236 6.16 29.06 -5.25
N ASP B 237 5.88 28.13 -6.14
CA ASP B 237 5.17 28.73 -7.35
C ASP B 237 3.84 28.15 -7.66
N PHE B 238 2.84 28.93 -7.29
CA PHE B 238 1.50 28.41 -7.33
C PHE B 238 0.78 28.91 -8.59
N GLY B 239 1.52 29.57 -9.48
CA GLY B 239 0.99 30.00 -10.78
C GLY B 239 0.27 28.96 -11.61
N ASP B 240 0.67 27.69 -11.45
CA ASP B 240 0.10 26.62 -12.24
C ASP B 240 -0.91 25.82 -11.48
N ALA B 241 -1.09 26.16 -10.21
CA ALA B 241 -1.95 25.39 -9.33
C ALA B 241 -3.32 25.30 -9.92
N ALA B 242 -3.97 24.19 -9.64
CA ALA B 242 -5.25 23.87 -10.24
C ALA B 242 -5.94 22.73 -9.54
N ILE B 243 -7.20 22.53 -9.90
CA ILE B 243 -7.86 21.35 -9.43
C ILE B 243 -7.68 20.26 -10.45
N SER B 244 -6.95 19.25 -10.03
CA SER B 244 -6.56 18.19 -10.92
C SER B 244 -6.22 16.94 -10.14
N ASP B 245 -5.49 16.03 -10.79
CA ASP B 245 -5.09 14.75 -10.22
C ASP B 245 -3.91 14.92 -9.23
N PRO B 246 -4.10 14.57 -7.94
CA PRO B 246 -3.01 14.71 -6.96
C PRO B 246 -1.75 13.90 -7.25
N ASP B 247 -1.87 12.87 -8.07
CA ASP B 247 -0.70 12.09 -8.43
C ASP B 247 0.32 12.97 -9.16
N ASN B 248 -0.11 14.08 -9.74
CA ASN B 248 0.78 14.98 -10.49
C ASN B 248 1.87 15.64 -9.66
N ASP B 249 1.66 15.71 -8.35
CA ASP B 249 2.58 16.40 -7.48
C ASP B 249 3.69 15.50 -7.07
N PHE B 250 3.50 14.20 -7.30
CA PHE B 250 4.55 13.20 -7.07
C PHE B 250 5.34 12.95 -8.34
N ILE B 251 4.65 12.86 -9.48
CA ILE B 251 5.30 12.62 -10.77
C ILE B 251 6.39 13.64 -11.15
N SER B 252 6.16 14.90 -10.81
CA SER B 252 7.06 15.99 -11.15
C SER B 252 8.43 15.87 -10.45
N LEU B 253 8.49 15.13 -9.35
CA LEU B 253 9.72 14.90 -8.60
C LEU B 253 10.54 13.65 -9.04
N MET B 254 9.94 12.81 -9.86
CA MET B 254 10.53 11.53 -10.19
C MET B 254 11.60 11.52 -11.26
N GLU B 255 11.65 12.48 -12.18
CA GLU B 255 12.62 12.35 -13.30
C GLU B 255 14.03 12.43 -12.75
N ASP B 256 14.82 11.44 -13.14
CA ASP B 256 16.04 11.11 -12.44
C ASP B 256 17.14 12.14 -12.71
N ASP B 257 17.25 12.59 -13.95
CA ASP B 257 18.31 13.57 -14.26
C ASP B 257 18.05 14.93 -13.58
N GLU B 258 16.94 15.58 -13.89
CA GLU B 258 16.75 16.95 -13.41
C GLU B 258 16.15 17.05 -11.99
N GLU B 259 15.40 16.05 -11.54
CA GLU B 259 14.74 16.12 -10.22
C GLU B 259 15.22 15.00 -9.31
N TYR B 260 14.53 14.74 -8.19
CA TYR B 260 14.94 13.66 -7.24
C TYR B 260 14.70 12.28 -7.84
N GLY B 261 15.08 11.24 -7.13
CA GLY B 261 14.91 9.93 -7.71
C GLY B 261 13.46 9.47 -7.77
N MET B 262 13.28 8.28 -8.33
CA MET B 262 12.13 7.45 -7.99
C MET B 262 12.31 6.93 -6.57
N GLU B 263 13.55 6.72 -6.15
CA GLU B 263 13.79 6.13 -4.85
C GLU B 263 13.45 7.08 -3.75
N PHE B 264 13.83 8.33 -3.90
CA PHE B 264 13.45 9.33 -2.92
C PHE B 264 11.94 9.55 -2.93
N VAL B 265 11.34 9.69 -4.10
CA VAL B 265 9.90 9.97 -4.14
C VAL B 265 9.09 8.82 -3.52
N SER B 266 9.62 7.59 -3.67
CA SER B 266 9.08 6.39 -3.06
C SER B 266 8.89 6.51 -1.54
N LYS B 267 9.78 7.27 -0.88
CA LYS B 267 9.66 7.53 0.56
C LYS B 267 8.53 8.51 0.87
N ILE B 268 8.43 9.55 0.06
CA ILE B 268 7.42 10.56 0.26
C ILE B 268 6.11 9.84 0.23
N LEU B 269 5.95 8.97 -0.76
CA LEU B 269 4.68 8.31 -0.96
C LEU B 269 4.27 7.48 0.24
N ASN B 270 5.23 6.84 0.90
CA ASN B 270 4.91 6.03 2.08
C ASN B 270 4.40 6.87 3.22
N HIS B 271 5.05 7.98 3.51
CA HIS B 271 4.57 8.88 4.55
C HIS B 271 3.24 9.51 4.22
N TYR B 272 3.01 9.70 2.93
CA TYR B 272 1.74 10.20 2.40
C TYR B 272 0.66 9.09 2.43
N LYS B 273 1.09 7.86 2.66
CA LYS B 273 0.18 6.71 2.77
C LYS B 273 -0.67 6.58 1.52
N HIS B 274 0.02 6.55 0.38
CA HIS B 274 -0.60 6.41 -0.94
C HIS B 274 -1.06 4.98 -1.11
N LYS B 275 -2.22 4.84 -1.74
CA LYS B 275 -2.87 3.53 -1.84
C LYS B 275 -2.44 2.74 -3.06
N ASP B 276 -2.16 3.44 -4.15
CA ASP B 276 -1.84 2.81 -5.40
C ASP B 276 -0.57 3.32 -6.09
N ILE B 277 0.57 2.98 -5.50
CA ILE B 277 1.84 3.38 -6.07
C ILE B 277 2.06 2.84 -7.50
N PRO B 278 1.62 1.60 -7.77
CA PRO B 278 1.80 1.11 -9.15
C PRO B 278 1.09 1.95 -10.19
N THR B 279 -0.08 2.48 -9.85
CA THR B 279 -0.80 3.40 -10.74
C THR B 279 0.00 4.68 -11.03
N VAL B 280 0.65 5.19 -10.00
CA VAL B 280 1.40 6.43 -10.11
C VAL B 280 2.58 6.30 -11.08
N LEU B 281 3.22 5.13 -11.07
CA LEU B 281 4.35 4.90 -11.95
C LEU B 281 3.85 4.74 -13.39
N GLU B 282 2.66 4.18 -13.54
CA GLU B 282 2.03 4.02 -14.83
C GLU B 282 1.81 5.42 -15.40
N LYS B 283 1.34 6.35 -14.58
CA LYS B 283 1.10 7.72 -15.04
C LYS B 283 2.40 8.44 -15.39
N TYR B 284 3.42 8.22 -14.58
CA TYR B 284 4.74 8.78 -14.83
C TYR B 284 5.24 8.38 -16.23
N ARG B 285 5.11 7.10 -16.56
CA ARG B 285 5.66 6.60 -17.81
C ARG B 285 4.96 7.26 -18.97
N MET B 286 3.67 7.49 -18.81
CA MET B 286 2.93 8.20 -19.83
C MET B 286 3.41 9.64 -19.95
N LYS B 287 3.47 10.36 -18.84
CA LYS B 287 3.79 11.78 -18.88
C LYS B 287 5.16 12.06 -19.47
N GLU B 288 6.04 11.10 -19.27
CA GLU B 288 7.40 11.21 -19.71
C GLU B 288 7.44 11.12 -21.24
N LYS B 289 6.75 10.13 -21.80
CA LYS B 289 6.53 10.03 -23.24
C LYS B 289 5.77 11.23 -23.75
N TYR B 290 4.76 11.65 -22.99
CA TYR B 290 3.94 12.74 -23.43
C TYR B 290 4.72 14.01 -23.57
N TRP B 291 5.76 14.17 -22.77
CA TRP B 291 6.48 15.45 -22.72
C TRP B 291 7.08 15.86 -24.12
N SER B 292 7.42 14.86 -24.92
CA SER B 292 7.87 15.04 -26.29
C SER B 292 6.95 15.95 -27.05
N PHE B 293 5.67 15.68 -26.96
CA PHE B 293 4.65 16.43 -27.68
C PHE B 293 4.51 17.81 -27.09
N GLU B 294 4.56 17.91 -25.75
CA GLU B 294 4.46 19.20 -25.08
C GLU B 294 5.57 20.17 -25.48
N LYS B 295 6.79 19.67 -25.70
CA LYS B 295 7.86 20.53 -26.26
C LYS B 295 7.46 21.20 -27.56
N ILE B 296 6.77 20.47 -28.42
CA ILE B 296 6.35 20.99 -29.71
C ILE B 296 5.32 22.10 -29.60
N ILE B 297 4.37 21.89 -28.69
CA ILE B 297 3.26 22.80 -28.51
C ILE B 297 3.75 24.07 -27.83
N TYR B 298 4.46 23.87 -26.72
CA TYR B 298 4.98 24.99 -25.95
C TYR B 298 6.06 25.71 -26.76
N GLY B 299 6.89 24.93 -27.45
CA GLY B 299 7.90 25.45 -28.35
C GLY B 299 7.36 26.41 -29.39
N LYS B 300 6.21 26.11 -29.97
CA LYS B 300 5.66 26.96 -31.02
C LYS B 300 4.99 28.23 -30.49
N GLU B 301 4.30 28.14 -29.36
CA GLU B 301 3.65 29.34 -28.81
C GLU B 301 4.56 30.18 -27.87
N TYR B 302 5.59 29.59 -27.26
CA TYR B 302 6.62 30.35 -26.49
C TYR B 302 7.73 30.85 -27.41
N GLY B 303 7.88 30.21 -28.56
CA GLY B 303 8.87 30.59 -29.52
C GLY B 303 10.22 29.95 -29.28
N TYR B 304 10.32 28.88 -28.47
CA TYR B 304 11.59 28.15 -28.39
C TYR B 304 11.70 27.13 -29.51
N MET B 305 12.30 27.52 -30.63
CA MET B 305 12.47 26.64 -31.80
C MET B 305 13.35 25.41 -31.53
N ASP B 306 14.24 25.47 -30.54
CA ASP B 306 15.04 24.31 -30.13
C ASP B 306 14.19 23.25 -29.41
N TRP B 307 13.16 23.71 -28.68
CA TRP B 307 12.13 22.81 -28.14
C TRP B 307 11.41 22.10 -29.29
N TYR B 308 11.03 22.88 -30.30
CA TYR B 308 10.35 22.38 -31.49
C TYR B 308 11.21 21.38 -32.29
N GLU B 309 12.49 21.67 -32.49
CA GLU B 309 13.33 20.75 -33.25
C GLU B 309 13.54 19.43 -32.48
N GLU B 310 13.80 19.53 -31.19
CA GLU B 310 13.97 18.34 -30.36
C GLU B 310 12.81 17.36 -30.41
N GLY B 311 11.63 17.84 -30.05
CA GLY B 311 10.41 17.05 -30.05
C GLY B 311 10.18 16.37 -31.37
N LEU B 312 10.49 17.07 -32.46
CA LEU B 312 10.32 16.51 -33.80
C LEU B 312 11.21 15.29 -34.05
N ASN B 313 12.42 15.31 -33.50
CA ASN B 313 13.32 14.17 -33.65
C ASN B 313 12.93 13.02 -32.78
N GLU B 314 12.45 13.30 -31.57
CA GLU B 314 12.06 12.22 -30.68
C GLU B 314 10.90 11.46 -31.28
N ILE B 315 10.00 12.22 -31.90
CA ILE B 315 8.85 11.69 -32.60
C ILE B 315 9.27 10.88 -33.80
N ARG B 316 9.95 11.50 -34.76
CA ARG B 316 10.48 10.76 -35.91
C ARG B 316 11.17 9.46 -35.51
N SER B 317 11.51 9.30 -34.23
CA SER B 317 12.00 8.03 -33.73
C SER B 317 10.87 7.05 -33.29
N ILE B 318 10.52 6.12 -34.20
CA ILE B 318 9.58 4.97 -33.97
C ILE B 318 9.08 4.83 -32.54
C11 GET C . 3.37 -27.80 17.90
O11 GET C . 3.00 -26.48 17.51
C21 GET C . 3.54 -27.84 19.43
N21 GET C . 2.45 -27.08 20.06
C31 GET C . 4.90 -27.30 19.87
O31 GET C . 5.06 -27.57 21.27
C41 GET C . 6.09 -27.82 19.05
O41 GET C . 7.29 -27.09 19.39
C51 GET C . 5.84 -27.71 17.54
O51 GET C . 4.55 -28.23 17.17
C61 GET C . 6.93 -28.48 16.76
O61 GET C . 8.19 -27.83 16.94
C71 GET C . 6.64 -28.61 15.26
C12 GET C . 1.56 -25.01 14.02
N12 GET C . 1.30 -24.45 12.71
C22 GET C . 2.83 -24.30 14.50
C32 GET C . 3.18 -24.68 15.93
N32 GET C . 4.46 -24.05 16.25
C42 GET C . 3.19 -26.21 16.11
C52 GET C . 2.08 -27.03 15.44
O52 GET C . 2.49 -28.41 15.34
C62 GET C . 1.70 -26.57 14.03
O62 GET C . 0.52 -27.32 13.63
C13 GET C . 0.71 -28.56 12.90
C23 GET C . -0.35 -28.83 11.81
O23 GET C . -0.71 -27.58 11.22
C33 GET C . -1.69 -29.48 12.21
N33 GET C . -2.31 -30.12 11.04
C93 GET C . -3.75 -30.24 10.84
C43 GET C . -1.53 -30.50 13.32
O43 GET C . -1.12 -31.72 12.68
C83 GET C . -2.85 -30.67 14.09
C53 GET C . -0.50 -30.02 14.37
O53 GET C . 0.78 -29.68 13.79
#